data_1BF5
#
_entry.id   1BF5
#
_cell.length_a   76.600
_cell.length_b   148.200
_cell.length_c   181.100
_cell.angle_alpha   90.00
_cell.angle_beta   90.00
_cell.angle_gamma   90.00
#
_symmetry.space_group_name_H-M   'C 2 2 21'
#
loop_
_entity.id
_entity.type
_entity.pdbx_description
1 polymer "DNA (5'-D(*AP*CP*AP*GP*TP*TP*TP*CP*CP*CP*GP*TP*AP*AP*AP*TP*G P*C)-3')"
2 polymer "DNA (5'-D(*TP*GP*CP*AP*TP*TP*TP*AP*CP*GP*GP*GP*AP*AP*AP*CP*T P*G)-3')"
3 polymer 'SIGNAL TRANSDUCER AND ACTIVATOR OF TRANSCRIPTION 1-ALPHA/BETA'
#
loop_
_entity_poly.entity_id
_entity_poly.type
_entity_poly.pdbx_seq_one_letter_code
_entity_poly.pdbx_strand_id
1 'polydeoxyribonucleotide' (DA)(DC)(DA)(DG)(DT)(DT)(DT)(DC)(DC)(DC)(DG)(DT)(DA)(DA)(DA)(DT)(DG)(DC) B
2 'polydeoxyribonucleotide' (DT)(DG)(DC)(DA)(DT)(DT)(DT)(DA)(DC)(DG)(DG)(DG)(DA)(DA)(DA)(DC)(DT)(DG) C
3 'polypeptide(L)'
;LDKQKELDSKVRNVKDKVMCIEHEIKSLEDLQDEYDFKCKTLQNREHETNGVAKSDQKQEQLLLKKMYLMLDNKRKEVVH
KIIELLNVTELTQNALINDELVEWKRRQQSACIGGPPNACLDQLQNWFTIVAESLQQVRQQLKKLEELEQKYTYEHDPIT
KNKQVLWDRTFSLFQQLIQSSFVVERQPCMPTHPQRPLVLKTGVQFTVKLRLLVKLQELNYNLKVKVLFDKDVNERNTVK
GFRKFNILGTHTKVMNMEESTNGSLAAEFRHLQLKEQKNAGTRTNEGPLIVTEELHSLSFETQLCQPGLVIDLETTSLPV
VVISNVSQLPSGWASILWYNMLVAEPRNLSFFLTPPCARWAQLSEVLSWQFSSVTKRGLNVDQLNMLGEKLLGPNASPDG
LIPWTRFCKENINDKNFPFWLWIESILELIKKHLLPLWNDGCIMGFISKERERALLKDQQPGTFLLRFSESSREGAITFT
WVERSQNGGEPDFHAVEPYTKKELSAVTFPDIIRNYKVMAAENIPENPLKYLYPNIDKDHAFGKYYSRPKEAPEPMELDG
PKGTG(PTR)IKTELISVS
;
A
#
loop_
_chem_comp.id
_chem_comp.type
_chem_comp.name
_chem_comp.formula
DA DNA linking 2'-DEOXYADENOSINE-5'-MONOPHOSPHATE 'C10 H14 N5 O6 P'
DC DNA linking 2'-DEOXYCYTIDINE-5'-MONOPHOSPHATE 'C9 H14 N3 O7 P'
DG DNA linking 2'-DEOXYGUANOSINE-5'-MONOPHOSPHATE 'C10 H14 N5 O7 P'
DT DNA linking THYMIDINE-5'-MONOPHOSPHATE 'C10 H15 N2 O8 P'
#
# COMPACT_ATOMS: atom_id res chain seq x y z
N LEU C 1 -9.69 18.48 -3.54
CA LEU C 1 -9.44 18.88 -2.13
C LEU C 1 -10.72 19.39 -1.48
N ASP C 2 -11.70 19.70 -2.32
CA ASP C 2 -12.99 20.21 -1.86
C ASP C 2 -13.55 19.47 -0.65
N LYS C 3 -13.90 18.19 -0.84
CA LYS C 3 -14.44 17.38 0.24
C LYS C 3 -13.58 17.46 1.49
N GLN C 4 -12.26 17.43 1.31
CA GLN C 4 -11.37 17.50 2.45
C GLN C 4 -11.65 18.79 3.22
N LYS C 5 -11.50 19.92 2.52
CA LYS C 5 -11.73 21.24 3.09
C LYS C 5 -13.04 21.33 3.85
N GLU C 6 -14.08 20.66 3.37
CA GLU C 6 -15.37 20.69 4.03
C GLU C 6 -15.38 19.86 5.31
N LEU C 7 -14.62 18.77 5.31
CA LEU C 7 -14.55 17.94 6.50
C LEU C 7 -13.72 18.67 7.53
N ASP C 8 -12.89 19.59 7.04
CA ASP C 8 -12.03 20.36 7.92
C ASP C 8 -12.86 21.28 8.82
N SER C 9 -13.92 21.85 8.26
CA SER C 9 -14.77 22.73 9.02
C SER C 9 -15.66 21.93 9.96
N LYS C 10 -16.12 20.76 9.52
CA LYS C 10 -16.97 19.96 10.38
C LYS C 10 -16.21 19.65 11.66
N VAL C 11 -14.89 19.47 11.54
CA VAL C 11 -14.08 19.18 12.71
C VAL C 11 -13.87 20.43 13.56
N ARG C 12 -13.58 21.56 12.93
CA ARG C 12 -13.43 22.79 13.69
C ARG C 12 -14.75 23.04 14.40
N ASN C 13 -15.86 22.79 13.70
CA ASN C 13 -17.18 22.98 14.29
C ASN C 13 -17.33 22.15 15.56
N VAL C 14 -16.90 20.89 15.50
CA VAL C 14 -16.99 20.04 16.67
C VAL C 14 -16.20 20.68 17.82
N LYS C 15 -14.94 21.03 17.57
CA LYS C 15 -14.11 21.65 18.61
C LYS C 15 -14.81 22.88 19.19
N ASP C 16 -15.32 23.77 18.35
CA ASP C 16 -16.02 24.95 18.86
C ASP C 16 -17.10 24.52 19.84
N LYS C 17 -18.08 23.75 19.35
CA LYS C 17 -19.18 23.30 20.21
C LYS C 17 -18.75 22.71 21.54
N VAL C 18 -17.61 22.05 21.60
CA VAL C 18 -17.17 21.46 22.86
C VAL C 18 -16.69 22.53 23.85
N MET C 19 -15.96 23.52 23.34
CA MET C 19 -15.47 24.60 24.18
C MET C 19 -16.65 25.47 24.55
N CYS C 20 -17.48 25.76 23.57
CA CYS C 20 -18.65 26.58 23.82
C CYS C 20 -19.42 25.93 24.95
N ILE C 21 -19.56 24.61 24.88
CA ILE C 21 -20.28 23.88 25.92
C ILE C 21 -19.58 23.90 27.26
N GLU C 22 -18.25 23.94 27.28
CA GLU C 22 -17.62 23.92 28.59
C GLU C 22 -17.80 25.26 29.31
N HIS C 23 -17.92 26.34 28.54
CA HIS C 23 -18.12 27.66 29.13
C HIS C 23 -19.46 27.67 29.84
N GLU C 24 -20.51 27.32 29.12
CA GLU C 24 -21.83 27.29 29.70
C GLU C 24 -21.91 26.44 30.95
N ILE C 25 -20.97 25.50 31.11
CA ILE C 25 -21.02 24.64 32.28
C ILE C 25 -20.40 25.26 33.53
N LYS C 26 -19.31 26.02 33.37
CA LYS C 26 -18.72 26.68 34.53
C LYS C 26 -19.80 27.63 34.99
N SER C 27 -20.40 28.31 34.02
CA SER C 27 -21.47 29.28 34.27
C SER C 27 -22.67 28.61 34.92
N LEU C 28 -22.80 27.30 34.75
CA LEU C 28 -23.93 26.62 35.35
C LEU C 28 -23.52 26.28 36.77
N GLU C 29 -22.29 25.81 36.93
CA GLU C 29 -21.73 25.45 38.23
C GLU C 29 -21.69 26.61 39.22
N ASP C 30 -21.09 27.72 38.80
CA ASP C 30 -21.01 28.88 39.67
C ASP C 30 -22.40 29.42 39.94
N LEU C 31 -23.15 29.68 38.88
CA LEU C 31 -24.49 30.23 39.01
C LEU C 31 -25.37 29.40 39.94
N GLN C 32 -24.96 28.16 40.22
CA GLN C 32 -25.77 27.33 41.10
C GLN C 32 -25.32 27.51 42.54
N ASP C 33 -24.01 27.47 42.78
CA ASP C 33 -23.48 27.67 44.13
C ASP C 33 -23.84 29.07 44.62
N GLU C 34 -24.30 29.92 43.69
CA GLU C 34 -24.71 31.28 44.02
C GLU C 34 -26.12 31.17 44.58
N TYR C 35 -27.02 30.61 43.77
CA TYR C 35 -28.40 30.40 44.17
C TYR C 35 -28.52 29.51 45.39
N ASP C 36 -27.64 28.52 45.51
CA ASP C 36 -27.70 27.63 46.67
C ASP C 36 -27.32 28.39 47.93
N PHE C 37 -26.31 29.26 47.80
CA PHE C 37 -25.86 30.05 48.93
C PHE C 37 -26.99 30.99 49.35
N LYS C 38 -27.58 31.66 48.37
CA LYS C 38 -28.68 32.59 48.66
C LYS C 38 -29.84 31.87 49.32
N CYS C 39 -29.96 30.57 49.09
CA CYS C 39 -31.04 29.80 49.70
C CYS C 39 -30.75 29.56 51.17
N LYS C 40 -29.61 28.94 51.44
CA LYS C 40 -29.24 28.67 52.83
C LYS C 40 -29.41 29.90 53.71
N THR C 41 -28.86 31.03 53.27
CA THR C 41 -28.98 32.25 54.06
C THR C 41 -30.44 32.58 54.35
N LEU C 42 -31.23 32.87 53.31
CA LEU C 42 -32.63 33.20 53.50
C LEU C 42 -33.36 32.27 54.47
N GLN C 43 -32.84 31.05 54.65
CA GLN C 43 -33.45 30.10 55.58
C GLN C 43 -33.08 30.39 57.03
N ASN C 44 -31.81 30.70 57.26
CA ASN C 44 -31.37 31.03 58.61
C ASN C 44 -31.59 32.51 58.89
N ARG C 45 -31.73 33.30 57.83
CA ARG C 45 -32.01 34.74 57.98
C ARG C 45 -33.51 34.91 58.17
N GLU C 46 -34.09 33.97 58.91
CA GLU C 46 -35.52 33.98 59.21
C GLU C 46 -35.76 33.44 60.62
N HIS C 47 -35.55 32.14 60.80
CA HIS C 47 -35.74 31.49 62.09
C HIS C 47 -35.13 32.31 63.22
N LEU C 62 -36.88 37.99 42.56
CA LEU C 62 -37.73 36.98 43.22
C LEU C 62 -36.90 35.71 43.52
N LEU C 63 -36.49 35.52 44.79
CA LEU C 63 -35.75 34.37 45.26
C LEU C 63 -36.21 33.06 44.61
N LEU C 64 -37.43 32.68 44.97
CA LEU C 64 -38.04 31.43 44.52
C LEU C 64 -37.98 31.26 43.01
N LYS C 65 -38.57 32.20 42.26
CA LYS C 65 -38.61 32.11 40.82
C LYS C 65 -37.25 31.89 40.18
N LYS C 66 -36.31 32.80 40.41
CA LYS C 66 -34.98 32.70 39.84
C LYS C 66 -34.44 31.28 39.89
N MET C 67 -34.10 30.83 41.09
CA MET C 67 -33.56 29.50 41.33
C MET C 67 -34.19 28.43 40.45
N TYR C 68 -35.15 27.72 41.03
CA TYR C 68 -35.84 26.63 40.38
C TYR C 68 -36.27 26.81 38.93
N LEU C 69 -36.21 28.02 38.38
CA LEU C 69 -36.62 28.20 37.00
C LEU C 69 -35.50 28.44 35.99
N MET C 70 -34.52 29.26 36.31
CA MET C 70 -33.48 29.48 35.31
C MET C 70 -32.45 28.36 35.29
N LEU C 71 -32.05 27.88 36.46
CA LEU C 71 -31.10 26.77 36.51
C LEU C 71 -31.60 25.66 35.60
N ASP C 72 -32.90 25.39 35.70
CA ASP C 72 -33.55 24.36 34.90
C ASP C 72 -33.35 24.70 33.42
N ASN C 73 -33.69 25.93 33.03
CA ASN C 73 -33.54 26.35 31.65
C ASN C 73 -32.10 26.24 31.21
N LYS C 74 -31.19 26.40 32.16
CA LYS C 74 -29.76 26.30 31.87
C LYS C 74 -29.32 24.85 31.79
N ARG C 75 -29.86 23.99 32.66
CA ARG C 75 -29.51 22.58 32.62
C ARG C 75 -30.01 22.08 31.27
N LYS C 76 -31.31 22.17 31.05
CA LYS C 76 -31.90 21.74 29.80
C LYS C 76 -31.11 22.33 28.63
N GLU C 77 -30.79 23.60 28.74
CA GLU C 77 -30.05 24.27 27.68
C GLU C 77 -28.78 23.49 27.38
N VAL C 78 -27.96 23.27 28.39
CA VAL C 78 -26.72 22.54 28.18
C VAL C 78 -26.97 21.16 27.59
N VAL C 79 -27.72 20.32 28.31
CA VAL C 79 -28.00 18.97 27.83
C VAL C 79 -28.33 18.98 26.35
N HIS C 80 -29.32 19.77 25.96
CA HIS C 80 -29.69 19.86 24.57
C HIS C 80 -28.43 20.09 23.73
N LYS C 81 -27.64 21.08 24.08
CA LYS C 81 -26.41 21.36 23.33
C LYS C 81 -25.39 20.23 23.27
N ILE C 82 -25.35 19.38 24.27
CA ILE C 82 -24.40 18.26 24.25
C ILE C 82 -24.96 17.29 23.23
N ILE C 83 -26.25 16.99 23.36
CA ILE C 83 -26.94 16.10 22.45
C ILE C 83 -26.74 16.56 21.02
N GLU C 84 -26.59 17.86 20.84
CA GLU C 84 -26.42 18.40 19.50
C GLU C 84 -24.99 18.26 19.02
N LEU C 85 -24.04 18.26 19.96
CA LEU C 85 -22.62 18.13 19.64
C LEU C 85 -22.36 16.69 19.22
N LEU C 86 -22.88 15.74 20.00
CA LEU C 86 -22.72 14.35 19.69
C LEU C 86 -23.27 14.03 18.30
N ASN C 87 -24.39 14.64 17.93
CA ASN C 87 -24.93 14.37 16.60
C ASN C 87 -23.90 14.77 15.55
N VAL C 88 -23.49 16.03 15.59
CA VAL C 88 -22.53 16.54 14.63
C VAL C 88 -21.24 15.73 14.68
N THR C 89 -20.86 15.24 15.87
CA THR C 89 -19.64 14.46 15.99
C THR C 89 -19.79 13.22 15.12
N GLU C 90 -20.98 12.62 15.17
CA GLU C 90 -21.29 11.45 14.39
C GLU C 90 -21.08 11.74 12.89
N LEU C 91 -21.79 12.74 12.37
CA LEU C 91 -21.64 13.12 10.97
C LEU C 91 -20.18 13.32 10.58
N THR C 92 -19.43 13.98 11.45
CA THR C 92 -18.03 14.24 11.20
C THR C 92 -17.24 12.93 11.20
N GLN C 93 -17.36 12.20 12.30
CA GLN C 93 -16.67 10.94 12.47
C GLN C 93 -16.88 10.06 11.26
N ASN C 94 -18.13 9.78 10.94
CA ASN C 94 -18.45 8.97 9.78
C ASN C 94 -17.73 9.39 8.50
N ALA C 95 -17.51 10.69 8.31
CA ALA C 95 -16.82 11.14 7.11
C ALA C 95 -15.34 10.82 7.27
N LEU C 96 -14.87 11.00 8.48
CA LEU C 96 -13.49 10.73 8.81
C LEU C 96 -13.23 9.23 8.56
N ILE C 97 -13.78 8.39 9.44
CA ILE C 97 -13.62 6.93 9.36
C ILE C 97 -14.00 6.28 8.02
N ASN C 98 -15.28 6.36 7.65
CA ASN C 98 -15.76 5.73 6.41
C ASN C 98 -15.36 6.25 5.05
N ASP C 99 -15.02 7.52 4.91
CA ASP C 99 -14.63 8.00 3.59
C ASP C 99 -13.16 8.35 3.52
N GLU C 100 -12.67 9.14 4.47
CA GLU C 100 -11.26 9.52 4.45
C GLU C 100 -10.29 8.39 4.76
N LEU C 101 -10.52 7.65 5.85
CA LEU C 101 -9.60 6.57 6.19
C LEU C 101 -9.76 5.52 5.11
N VAL C 102 -10.99 5.09 4.87
CA VAL C 102 -11.23 4.08 3.84
C VAL C 102 -10.61 4.47 2.50
N GLU C 103 -10.63 5.74 2.17
CA GLU C 103 -10.03 6.16 0.92
C GLU C 103 -8.49 6.09 1.04
N TRP C 104 -7.95 6.55 2.17
CA TRP C 104 -6.51 6.50 2.36
C TRP C 104 -6.03 5.06 2.17
N LYS C 105 -6.79 4.12 2.72
CA LYS C 105 -6.44 2.72 2.59
C LYS C 105 -6.46 2.24 1.14
N ARG C 106 -7.50 2.58 0.38
CA ARG C 106 -7.52 2.14 -1.02
C ARG C 106 -6.26 2.62 -1.72
N ARG C 107 -5.89 3.88 -1.51
CA ARG C 107 -4.69 4.40 -2.15
C ARG C 107 -3.44 3.66 -1.71
N GLN C 108 -3.44 3.19 -0.47
CA GLN C 108 -2.30 2.43 0.05
C GLN C 108 -2.16 1.15 -0.80
N GLN C 109 -3.27 0.43 -0.97
CA GLN C 109 -3.23 -0.78 -1.79
C GLN C 109 -2.52 -0.46 -3.08
N SER C 110 -3.07 0.49 -3.82
CA SER C 110 -2.48 0.83 -5.10
C SER C 110 -1.02 1.25 -5.03
N ALA C 111 -0.61 1.81 -3.91
CA ALA C 111 0.78 2.23 -3.78
C ALA C 111 1.67 0.99 -3.74
N CYS C 112 1.31 0.02 -2.92
CA CYS C 112 2.06 -1.22 -2.78
C CYS C 112 2.35 -1.89 -4.11
N ILE C 113 1.43 -1.78 -5.06
CA ILE C 113 1.68 -2.42 -6.35
C ILE C 113 2.22 -1.45 -7.40
N GLY C 114 2.85 -0.36 -6.96
CA GLY C 114 3.46 0.58 -7.88
C GLY C 114 2.68 1.74 -8.43
N GLY C 115 1.52 2.05 -7.85
CA GLY C 115 0.74 3.18 -8.34
C GLY C 115 1.19 4.48 -7.73
N PRO C 116 0.31 5.50 -7.66
CA PRO C 116 0.71 6.78 -7.08
C PRO C 116 1.11 6.61 -5.62
N PRO C 117 1.96 7.50 -5.09
CA PRO C 117 2.44 7.46 -3.71
C PRO C 117 1.37 7.90 -2.71
N ASN C 118 1.28 7.20 -1.60
CA ASN C 118 0.33 7.54 -0.56
C ASN C 118 0.59 8.95 -0.03
N ALA C 119 -0.48 9.63 0.34
CA ALA C 119 -0.34 10.96 0.91
C ALA C 119 0.04 10.71 2.37
N CYS C 120 0.66 11.69 3.00
CA CYS C 120 1.06 11.58 4.38
C CYS C 120 -0.19 11.50 5.25
N LEU C 121 -0.13 10.72 6.33
CA LEU C 121 -1.24 10.59 7.25
C LEU C 121 -1.41 11.73 8.24
N ASP C 122 -0.63 12.81 8.12
CA ASP C 122 -0.76 13.90 9.07
C ASP C 122 -2.11 14.57 8.98
N GLN C 123 -2.55 14.85 7.76
CA GLN C 123 -3.84 15.48 7.61
C GLN C 123 -4.85 14.68 8.43
N LEU C 124 -4.92 13.36 8.17
CA LEU C 124 -5.83 12.47 8.88
C LEU C 124 -5.68 12.51 10.39
N GLN C 125 -4.44 12.45 10.84
CA GLN C 125 -4.16 12.46 12.26
C GLN C 125 -4.72 13.71 12.92
N ASN C 126 -4.62 14.84 12.25
CA ASN C 126 -5.13 16.06 12.86
C ASN C 126 -6.63 15.95 13.12
N TRP C 127 -7.38 15.59 12.09
CA TRP C 127 -8.82 15.44 12.24
C TRP C 127 -9.12 14.50 13.41
N PHE C 128 -8.59 13.29 13.35
CA PHE C 128 -8.82 12.32 14.40
C PHE C 128 -8.56 12.84 15.81
N THR C 129 -7.34 13.27 16.13
CA THR C 129 -7.09 13.72 17.52
C THR C 129 -7.99 14.88 17.95
N ILE C 130 -8.27 15.80 17.04
CA ILE C 130 -9.11 16.93 17.38
C ILE C 130 -10.49 16.50 17.82
N VAL C 131 -11.04 15.48 17.16
CA VAL C 131 -12.36 14.99 17.53
C VAL C 131 -12.18 14.06 18.72
N ALA C 132 -10.99 13.46 18.82
CA ALA C 132 -10.69 12.56 19.91
C ALA C 132 -10.62 13.33 21.24
N GLU C 133 -10.14 14.56 21.17
CA GLU C 133 -10.04 15.40 22.37
C GLU C 133 -11.42 15.95 22.76
N SER C 134 -12.24 16.28 21.77
CA SER C 134 -13.57 16.78 22.05
C SER C 134 -14.38 15.74 22.80
N LEU C 135 -14.38 14.50 22.35
CA LEU C 135 -15.15 13.50 23.07
C LEU C 135 -14.59 13.33 24.47
N GLN C 136 -13.26 13.32 24.61
CA GLN C 136 -12.70 13.17 25.95
C GLN C 136 -13.21 14.30 26.83
N GLN C 137 -13.42 15.46 26.21
CA GLN C 137 -13.89 16.63 26.92
C GLN C 137 -15.35 16.45 27.34
N VAL C 138 -16.23 16.15 26.38
CA VAL C 138 -17.64 15.95 26.69
C VAL C 138 -17.78 15.02 27.89
N ARG C 139 -16.86 14.07 27.98
CA ARG C 139 -16.87 13.10 29.06
C ARG C 139 -16.71 13.79 30.40
N GLN C 140 -15.77 14.75 30.46
CA GLN C 140 -15.50 15.53 31.67
C GLN C 140 -16.72 16.37 31.97
N GLN C 141 -17.15 17.15 30.98
CA GLN C 141 -18.32 18.00 31.11
C GLN C 141 -19.45 17.14 31.65
N LEU C 142 -19.50 15.88 31.23
CA LEU C 142 -20.53 14.97 31.70
C LEU C 142 -20.32 14.62 33.17
N LYS C 143 -19.07 14.54 33.61
CA LYS C 143 -18.76 14.25 35.00
C LYS C 143 -19.17 15.46 35.85
N LYS C 144 -18.88 16.66 35.34
CA LYS C 144 -19.25 17.88 36.05
C LYS C 144 -20.76 17.94 36.27
N LEU C 145 -21.53 17.70 35.22
CA LEU C 145 -22.97 17.72 35.35
C LEU C 145 -23.45 16.78 36.44
N GLU C 146 -22.92 15.58 36.47
CA GLU C 146 -23.36 14.67 37.50
C GLU C 146 -23.04 15.27 38.87
N GLU C 147 -21.90 15.94 38.96
CA GLU C 147 -21.51 16.56 40.22
C GLU C 147 -22.56 17.56 40.70
N LEU C 148 -23.23 18.22 39.75
CA LEU C 148 -24.25 19.19 40.12
C LEU C 148 -25.52 18.55 40.61
N GLU C 149 -25.88 17.39 40.07
CA GLU C 149 -27.11 16.75 40.53
C GLU C 149 -26.94 16.25 41.95
N GLN C 150 -25.74 15.78 42.30
CA GLN C 150 -25.49 15.32 43.66
C GLN C 150 -25.69 16.50 44.61
N LYS C 151 -25.33 17.69 44.17
CA LYS C 151 -25.49 18.89 44.98
C LYS C 151 -26.94 19.33 44.90
N TYR C 152 -27.59 19.07 43.77
CA TYR C 152 -28.98 19.45 43.61
C TYR C 152 -29.70 18.72 42.47
N THR C 153 -30.88 18.19 42.77
CA THR C 153 -31.68 17.48 41.79
C THR C 153 -33.17 17.82 41.95
N TYR C 154 -34.01 17.16 41.15
CA TYR C 154 -35.44 17.40 41.21
C TYR C 154 -36.21 16.65 40.15
N GLU C 155 -37.48 16.38 40.45
CA GLU C 155 -38.40 15.65 39.59
C GLU C 155 -38.12 15.57 38.09
N HIS C 156 -38.00 16.72 37.42
CA HIS C 156 -37.75 16.71 35.99
C HIS C 156 -36.41 17.31 35.64
N ASP C 157 -35.42 16.93 36.44
CA ASP C 157 -34.06 17.36 36.26
C ASP C 157 -33.48 16.63 35.05
N PRO C 158 -33.30 17.38 33.94
CA PRO C 158 -32.75 16.88 32.67
C PRO C 158 -31.40 16.22 32.83
N ILE C 159 -30.60 16.81 33.71
CA ILE C 159 -29.26 16.34 33.97
C ILE C 159 -29.34 14.91 34.54
N THR C 160 -30.56 14.40 34.70
CA THR C 160 -30.77 13.06 35.23
C THR C 160 -31.38 12.09 34.20
N LYS C 161 -32.29 12.60 33.38
CA LYS C 161 -32.92 11.77 32.37
C LYS C 161 -31.91 11.56 31.26
N ASN C 162 -31.51 12.63 30.58
CA ASN C 162 -30.52 12.53 29.50
C ASN C 162 -29.17 12.05 30.06
N LYS C 163 -29.05 12.13 31.37
CA LYS C 163 -27.85 11.74 32.10
C LYS C 163 -27.17 10.51 31.50
N GLN C 164 -27.79 9.35 31.67
CA GLN C 164 -27.24 8.09 31.17
C GLN C 164 -27.08 7.95 29.66
N VAL C 165 -28.11 8.34 28.91
CA VAL C 165 -28.06 8.26 27.46
C VAL C 165 -26.78 8.89 26.90
N LEU C 166 -26.56 10.15 27.23
CA LEU C 166 -25.42 10.92 26.77
C LEU C 166 -24.06 10.32 27.07
N TRP C 167 -23.93 9.72 28.24
CA TRP C 167 -22.64 9.14 28.60
C TRP C 167 -22.34 8.03 27.59
N ASP C 168 -23.18 6.99 27.62
CA ASP C 168 -23.03 5.85 26.73
C ASP C 168 -22.81 6.25 25.28
N ARG C 169 -23.59 7.20 24.81
CA ARG C 169 -23.45 7.63 23.44
C ARG C 169 -22.05 8.20 23.18
N THR C 170 -21.39 8.72 24.23
CA THR C 170 -20.05 9.28 24.07
C THR C 170 -18.99 8.21 24.17
N PHE C 171 -19.37 7.03 24.62
CA PHE C 171 -18.41 5.94 24.68
C PHE C 171 -18.32 5.38 23.26
N SER C 172 -19.49 5.17 22.64
CA SER C 172 -19.55 4.68 21.28
C SER C 172 -18.71 5.51 20.30
N LEU C 173 -19.14 6.74 20.05
CA LEU C 173 -18.42 7.62 19.15
C LEU C 173 -16.94 7.52 19.42
N PHE C 174 -16.57 7.53 20.70
CA PHE C 174 -15.17 7.48 21.07
C PHE C 174 -14.52 6.12 20.84
N GLN C 175 -15.26 5.07 21.14
CA GLN C 175 -14.73 3.73 20.92
C GLN C 175 -14.51 3.54 19.43
N GLN C 176 -15.57 3.79 18.67
CA GLN C 176 -15.50 3.65 17.24
C GLN C 176 -14.30 4.39 16.69
N LEU C 177 -14.27 5.69 16.96
CA LEU C 177 -13.21 6.57 16.52
C LEU C 177 -11.81 6.05 16.87
N ILE C 178 -11.61 5.60 18.10
CA ILE C 178 -10.28 5.13 18.45
C ILE C 178 -9.90 3.83 17.77
N GLN C 179 -10.85 2.93 17.62
CA GLN C 179 -10.57 1.65 16.97
C GLN C 179 -10.25 1.89 15.50
N SER C 180 -10.96 2.83 14.87
CA SER C 180 -10.70 3.12 13.48
C SER C 180 -9.36 3.82 13.28
N SER C 181 -8.91 4.59 14.27
CA SER C 181 -7.66 5.33 14.18
C SER C 181 -6.40 4.47 14.17
N PHE C 182 -6.51 3.24 14.70
CA PHE C 182 -5.41 2.27 14.75
C PHE C 182 -5.21 1.79 13.31
N VAL C 183 -4.10 2.13 12.68
CA VAL C 183 -3.90 1.69 11.31
C VAL C 183 -2.50 1.18 11.00
N VAL C 184 -2.41 0.41 9.92
CA VAL C 184 -1.13 -0.10 9.51
C VAL C 184 -0.55 0.88 8.52
N GLU C 185 0.19 1.85 9.05
CA GLU C 185 0.82 2.89 8.25
C GLU C 185 1.70 2.33 7.16
N ARG C 186 2.63 1.46 7.52
CA ARG C 186 3.43 0.86 6.46
C ARG C 186 3.27 -0.66 6.43
N GLN C 187 2.62 -1.14 5.38
CA GLN C 187 2.39 -2.57 5.22
C GLN C 187 3.63 -3.40 5.42
N PRO C 188 3.46 -4.69 5.76
CA PRO C 188 4.56 -5.63 6.00
C PRO C 188 5.42 -5.62 4.78
N CYS C 189 6.69 -5.96 4.92
CA CYS C 189 7.60 -5.95 3.79
C CYS C 189 9.02 -6.37 4.19
N MET C 190 9.76 -6.94 3.23
CA MET C 190 11.13 -7.32 3.47
C MET C 190 11.99 -6.12 3.06
N PRO C 191 12.89 -5.66 3.95
CA PRO C 191 13.79 -4.53 3.71
C PRO C 191 14.66 -4.69 2.48
N THR C 192 14.85 -5.92 2.03
CA THR C 192 15.66 -6.20 0.85
C THR C 192 14.78 -6.09 -0.39
N HIS C 193 13.48 -5.91 -0.18
CA HIS C 193 12.52 -5.84 -1.28
C HIS C 193 11.57 -4.66 -1.13
N PRO C 194 12.11 -3.45 -0.99
CA PRO C 194 11.29 -2.25 -0.85
C PRO C 194 10.17 -2.10 -1.87
N GLN C 195 10.33 -2.71 -3.04
CA GLN C 195 9.28 -2.62 -4.07
C GLN C 195 8.39 -3.83 -4.21
N ARG C 196 8.42 -4.71 -3.20
CA ARG C 196 7.60 -5.91 -3.20
C ARG C 196 7.22 -6.25 -1.77
N PRO C 197 6.34 -5.41 -1.19
CA PRO C 197 5.77 -5.44 0.15
C PRO C 197 4.87 -6.54 0.70
N LEU C 198 4.10 -7.29 -0.05
CA LEU C 198 3.34 -8.19 0.79
C LEU C 198 3.80 -9.65 0.78
N VAL C 199 5.00 -9.84 0.24
CA VAL C 199 5.60 -11.15 0.13
C VAL C 199 6.73 -11.34 1.13
N LEU C 200 6.40 -12.06 2.21
CA LEU C 200 7.30 -12.35 3.31
C LEU C 200 7.96 -13.72 3.19
N LYS C 201 9.27 -13.75 3.31
CA LYS C 201 9.98 -15.01 3.22
C LYS C 201 10.41 -15.48 4.58
N THR C 202 10.12 -16.75 4.83
CA THR C 202 10.47 -17.43 6.06
C THR C 202 11.94 -17.20 6.44
N GLY C 203 12.23 -17.14 7.73
CA GLY C 203 13.59 -16.95 8.16
C GLY C 203 14.07 -15.52 8.15
N VAL C 204 13.72 -14.78 7.09
CA VAL C 204 14.10 -13.36 6.97
C VAL C 204 13.15 -12.54 7.84
N GLN C 205 13.62 -11.41 8.35
CA GLN C 205 12.76 -10.59 9.22
C GLN C 205 12.22 -9.33 8.56
N PHE C 206 10.90 -9.25 8.46
CA PHE C 206 10.26 -8.12 7.83
C PHE C 206 9.99 -6.98 8.79
N THR C 207 9.51 -5.89 8.22
CA THR C 207 9.20 -4.68 8.96
C THR C 207 7.79 -4.17 8.67
N VAL C 208 7.03 -3.88 9.72
CA VAL C 208 5.70 -3.36 9.53
C VAL C 208 5.64 -2.11 10.38
N LYS C 209 4.78 -1.17 10.03
CA LYS C 209 4.66 0.02 10.86
C LYS C 209 3.21 0.33 11.20
N LEU C 210 2.93 0.37 12.50
CA LEU C 210 1.58 0.66 12.98
C LEU C 210 1.50 2.09 13.45
N ARG C 211 0.29 2.58 13.67
CA ARG C 211 0.12 3.95 14.11
C ARG C 211 -1.29 4.26 14.60
N LEU C 212 -1.37 5.04 15.67
CA LEU C 212 -2.66 5.42 16.21
C LEU C 212 -2.86 6.87 15.81
N LEU C 213 -3.83 7.11 14.95
CA LEU C 213 -4.09 8.46 14.45
C LEU C 213 -4.74 9.37 15.47
N VAL C 214 -4.80 8.93 16.72
CA VAL C 214 -5.42 9.71 17.77
C VAL C 214 -4.57 10.68 18.59
N LYS C 215 -3.28 10.42 18.76
CA LYS C 215 -2.46 11.36 19.54
C LYS C 215 -3.07 11.82 20.86
N LEU C 216 -2.86 11.06 21.91
CA LEU C 216 -3.36 11.47 23.20
C LEU C 216 -2.22 11.34 24.20
N GLN C 217 -1.68 12.48 24.61
CA GLN C 217 -0.56 12.52 25.54
C GLN C 217 -0.59 11.39 26.56
N GLU C 218 -1.63 11.35 27.39
CA GLU C 218 -1.76 10.32 28.40
C GLU C 218 -2.02 8.93 27.83
N LEU C 219 -1.53 8.71 26.62
CA LEU C 219 -1.72 7.42 25.93
C LEU C 219 -0.38 6.92 25.41
N ASN C 220 0.68 7.63 25.78
CA ASN C 220 2.03 7.26 25.37
C ASN C 220 2.59 6.25 26.37
N TYR C 221 3.18 5.19 25.84
CA TYR C 221 3.75 4.08 26.63
C TYR C 221 2.69 3.28 27.39
N ASN C 222 1.46 3.25 26.87
CA ASN C 222 0.39 2.49 27.51
C ASN C 222 -0.13 1.36 26.64
N LEU C 223 -0.22 1.62 25.34
CA LEU C 223 -0.72 0.63 24.40
C LEU C 223 0.37 -0.38 24.04
N LYS C 224 0.14 -1.62 24.44
CA LYS C 224 1.08 -2.68 24.15
C LYS C 224 0.54 -3.41 22.93
N VAL C 225 1.32 -3.44 21.84
CA VAL C 225 0.87 -4.11 20.63
C VAL C 225 1.43 -5.51 20.52
N LYS C 226 0.60 -6.45 20.09
CA LYS C 226 0.99 -7.85 19.95
C LYS C 226 0.67 -8.23 18.51
N VAL C 227 1.63 -8.86 17.82
CA VAL C 227 1.45 -9.29 16.43
C VAL C 227 0.99 -10.73 16.43
N LEU C 228 -0.10 -11.01 15.72
CA LEU C 228 -0.62 -12.38 15.62
C LEU C 228 -0.65 -12.84 14.18
N PHE C 229 -0.57 -14.14 13.96
CA PHE C 229 -0.61 -14.63 12.59
C PHE C 229 -1.88 -15.42 12.29
N ASP C 230 -2.44 -15.17 11.12
CA ASP C 230 -3.69 -15.79 10.68
C ASP C 230 -4.82 -15.83 11.72
N LYS C 231 -4.99 -14.74 12.46
CA LYS C 231 -6.06 -14.66 13.45
C LYS C 231 -7.39 -14.66 12.70
N ASP C 232 -8.31 -15.53 13.12
CA ASP C 232 -9.62 -15.61 12.47
C ASP C 232 -9.47 -15.90 10.98
N VAL C 233 -8.74 -16.95 10.65
CA VAL C 233 -8.54 -17.31 9.26
C VAL C 233 -9.07 -18.71 9.06
N ASN C 234 -10.30 -18.79 8.58
CA ASN C 234 -10.96 -20.06 8.35
C ASN C 234 -10.24 -20.93 7.34
N GLU C 235 -9.53 -20.31 6.40
CA GLU C 235 -8.81 -21.05 5.38
C GLU C 235 -7.91 -22.10 6.03
N ARG C 236 -7.65 -21.94 7.32
CA ARG C 236 -6.82 -22.88 8.07
C ARG C 236 -7.44 -24.26 8.02
N ASN C 237 -8.74 -24.31 8.31
CA ASN C 237 -9.48 -25.57 8.31
C ASN C 237 -10.04 -25.82 6.91
N THR C 238 -10.89 -24.91 6.47
CA THR C 238 -11.54 -25.01 5.17
C THR C 238 -10.61 -25.35 4.01
N VAL C 239 -9.41 -24.78 3.98
CA VAL C 239 -8.52 -25.08 2.88
C VAL C 239 -7.56 -26.24 3.16
N LYS C 240 -7.50 -27.17 2.21
CA LYS C 240 -6.65 -28.34 2.30
C LYS C 240 -5.21 -27.94 2.02
N GLY C 241 -4.26 -28.67 2.61
CA GLY C 241 -2.85 -28.38 2.42
C GLY C 241 -2.36 -27.08 3.05
N PHE C 242 -3.30 -26.19 3.33
CA PHE C 242 -3.02 -24.87 3.93
C PHE C 242 -1.97 -24.96 5.04
N ARG C 243 -0.86 -24.21 4.92
CA ARG C 243 0.18 -24.23 5.95
C ARG C 243 0.04 -23.18 7.05
N LYS C 244 0.61 -23.47 8.22
CA LYS C 244 0.56 -22.61 9.41
C LYS C 244 1.94 -22.07 9.74
N PHE C 245 2.01 -20.84 10.24
CA PHE C 245 3.30 -20.30 10.62
C PHE C 245 3.23 -19.60 11.97
N ASN C 246 4.39 -19.35 12.56
CA ASN C 246 4.45 -18.66 13.83
C ASN C 246 5.32 -17.45 13.64
N ILE C 247 4.95 -16.34 14.27
CA ILE C 247 5.77 -15.14 14.18
C ILE C 247 6.89 -15.59 15.11
N LEU C 248 8.00 -14.86 15.16
CA LEU C 248 9.07 -15.39 15.99
C LEU C 248 9.84 -14.38 16.79
N GLY C 249 10.42 -13.40 16.09
CA GLY C 249 11.22 -12.35 16.73
C GLY C 249 10.66 -11.68 17.97
N THR C 250 10.18 -10.46 17.81
CA THR C 250 9.60 -9.74 18.94
C THR C 250 8.08 -9.57 18.74
N HIS C 251 7.31 -10.52 19.26
CA HIS C 251 5.86 -10.51 19.11
C HIS C 251 5.20 -9.22 19.59
N THR C 252 5.87 -8.51 20.50
CA THR C 252 5.30 -7.29 21.09
C THR C 252 6.20 -6.08 21.03
N LYS C 253 5.59 -4.90 21.00
CA LYS C 253 6.33 -3.65 20.97
C LYS C 253 5.41 -2.49 21.35
N VAL C 254 5.76 -1.80 22.43
CA VAL C 254 5.00 -0.67 22.95
C VAL C 254 5.01 0.54 22.01
N MET C 255 3.89 1.22 21.88
CA MET C 255 3.83 2.38 21.02
C MET C 255 4.35 3.64 21.69
N ASN C 256 5.17 4.40 20.95
CA ASN C 256 5.75 5.65 21.45
C ASN C 256 5.39 6.78 20.52
N MET C 257 6.01 7.93 20.79
CA MET C 257 5.87 9.12 19.97
C MET C 257 7.31 9.51 19.69
N GLU C 258 8.21 8.78 20.35
CA GLU C 258 9.65 8.99 20.22
C GLU C 258 10.18 8.36 18.94
N GLU C 259 9.78 7.12 18.67
CA GLU C 259 10.24 6.40 17.48
C GLU C 259 10.22 7.23 16.20
N SER C 260 9.07 7.84 15.90
CA SER C 260 8.94 8.65 14.69
C SER C 260 9.14 10.13 14.92
N THR C 261 10.14 10.70 14.24
CA THR C 261 10.47 12.12 14.35
C THR C 261 9.18 12.91 14.21
N ASN C 262 8.31 12.43 13.32
CA ASN C 262 7.02 13.07 13.12
C ASN C 262 6.30 12.94 14.45
N GLY C 263 5.93 14.08 15.05
CA GLY C 263 5.21 14.08 16.32
C GLY C 263 3.95 13.25 16.12
N SER C 264 4.06 11.94 16.33
CA SER C 264 2.93 11.03 16.14
C SER C 264 3.13 9.74 16.92
N LEU C 265 2.03 9.13 17.34
CA LEU C 265 2.10 7.89 18.10
C LEU C 265 2.19 6.70 17.12
N ALA C 266 3.23 5.90 17.25
CA ALA C 266 3.43 4.75 16.35
C ALA C 266 4.13 3.54 16.99
N ALA C 267 4.50 2.59 16.15
CA ALA C 267 5.18 1.37 16.58
C ALA C 267 5.67 0.64 15.33
N GLU C 268 6.98 0.52 15.22
CA GLU C 268 7.53 -0.13 14.05
C GLU C 268 8.21 -1.41 14.46
N PHE C 269 7.84 -2.49 13.78
CA PHE C 269 8.43 -3.76 14.06
C PHE C 269 9.46 -4.06 13.01
N ARG C 270 10.54 -4.64 13.49
CA ARG C 270 11.66 -5.07 12.67
C ARG C 270 11.95 -6.38 13.38
N HIS C 271 12.66 -7.28 12.73
CA HIS C 271 12.97 -8.55 13.38
C HIS C 271 11.77 -9.52 13.35
N LEU C 272 10.74 -9.24 12.54
CA LEU C 272 9.42 -9.95 12.94
C LEU C 272 9.88 -11.05 12.00
N GLN C 273 9.45 -12.28 12.24
CA GLN C 273 9.95 -13.34 11.41
C GLN C 273 9.06 -14.59 11.43
N LEU C 274 8.85 -15.18 10.27
CA LEU C 274 8.00 -16.36 10.18
C LEU C 274 8.74 -17.68 9.98
N LYS C 275 8.22 -18.71 10.63
CA LYS C 275 8.79 -20.06 10.51
C LYS C 275 7.61 -21.03 10.47
N GLU C 276 7.73 -22.12 9.69
CA GLU C 276 6.65 -23.10 9.61
C GLU C 276 6.41 -23.86 10.88
N GLN C 277 5.17 -24.27 11.07
CA GLN C 277 4.80 -25.06 12.22
C GLN C 277 4.71 -26.49 11.69
N LYS C 278 5.84 -26.97 11.17
CA LYS C 278 5.97 -28.32 10.60
C LYS C 278 5.29 -29.32 11.52
N ASN C 279 4.23 -29.97 11.05
CA ASN C 279 3.53 -30.94 11.89
C ASN C 279 2.70 -31.99 11.17
N ALA C 280 2.02 -32.81 11.97
CA ALA C 280 1.17 -33.87 11.47
C ALA C 280 -0.28 -33.37 11.48
N GLY C 281 -0.57 -32.39 12.35
CA GLY C 281 -1.90 -31.81 12.48
C GLY C 281 -2.43 -31.33 11.11
N THR C 282 -1.61 -30.57 10.42
CA THR C 282 -1.96 -30.06 9.10
C THR C 282 -0.93 -30.59 8.10
N ARG C 283 -0.88 -31.91 7.96
CA ARG C 283 0.05 -32.55 7.05
C ARG C 283 0.00 -31.95 5.65
N THR C 284 1.15 -31.91 4.97
CA THR C 284 1.23 -31.36 3.62
C THR C 284 0.37 -32.20 2.68
N ASN C 285 0.01 -31.61 1.54
CA ASN C 285 -0.81 -32.31 0.54
C ASN C 285 -0.23 -32.07 -0.84
N GLU C 286 0.59 -31.02 -0.95
CA GLU C 286 1.27 -30.60 -2.19
C GLU C 286 0.34 -30.62 -3.40
N GLY C 287 -0.91 -30.27 -3.17
CA GLY C 287 -1.82 -31.17 -4.25
C GLY C 287 -3.11 -30.61 -3.73
N PRO C 288 -3.07 -29.88 -2.58
CA PRO C 288 -4.31 -29.32 -2.08
C PRO C 288 -4.86 -28.24 -2.98
N LEU C 289 -5.99 -27.71 -2.58
CA LEU C 289 -6.71 -26.69 -3.29
C LEU C 289 -5.92 -25.60 -4.03
N ILE C 290 -4.75 -25.21 -3.52
CA ILE C 290 -4.00 -24.13 -4.17
C ILE C 290 -2.47 -24.15 -3.99
N VAL C 291 -1.76 -23.63 -4.99
CA VAL C 291 -0.30 -23.51 -4.98
C VAL C 291 0.05 -22.72 -3.71
N THR C 292 1.30 -22.74 -3.26
CA THR C 292 1.65 -22.03 -2.02
C THR C 292 1.35 -20.53 -2.05
N GLU C 293 0.66 -20.04 -3.08
CA GLU C 293 0.24 -18.63 -3.13
C GLU C 293 -1.24 -18.53 -2.70
N GLU C 294 -1.37 -18.69 -1.40
CA GLU C 294 -2.57 -18.66 -0.60
C GLU C 294 -2.31 -17.38 0.18
N LEU C 295 -3.34 -16.75 0.69
CA LEU C 295 -3.12 -15.50 1.39
C LEU C 295 -3.30 -15.62 2.89
N HIS C 296 -2.39 -14.97 3.62
CA HIS C 296 -2.40 -14.95 5.07
C HIS C 296 -2.61 -13.52 5.54
N SER C 297 -2.70 -13.32 6.85
CA SER C 297 -2.87 -11.98 7.39
C SER C 297 -2.07 -11.82 8.66
N LEU C 298 -1.65 -10.59 8.94
CA LEU C 298 -0.91 -10.24 10.14
C LEU C 298 -1.86 -9.33 10.89
N SER C 299 -2.32 -9.75 12.05
CA SER C 299 -3.23 -8.91 12.81
C SER C 299 -2.44 -8.29 13.95
N PHE C 300 -2.84 -7.08 14.32
CA PHE C 300 -2.18 -6.35 15.40
C PHE C 300 -3.26 -6.04 16.38
N GLU C 301 -3.00 -6.41 17.62
CA GLU C 301 -3.97 -6.26 18.68
C GLU C 301 -3.40 -5.51 19.86
N THR C 302 -4.17 -4.60 20.42
CA THR C 302 -3.74 -3.87 21.60
C THR C 302 -4.97 -3.49 22.39
N GLN C 303 -4.77 -2.94 23.57
CA GLN C 303 -5.90 -2.56 24.39
C GLN C 303 -5.71 -1.34 25.27
N LEU C 304 -6.59 -0.36 25.08
CA LEU C 304 -6.58 0.85 25.87
C LEU C 304 -7.21 0.57 27.22
N CYS C 305 -6.40 0.45 28.25
CA CYS C 305 -6.93 0.18 29.56
C CYS C 305 -6.86 1.40 30.46
N GLN C 306 -8.03 1.84 30.91
CA GLN C 306 -8.16 3.00 31.78
C GLN C 306 -9.33 2.82 32.76
N PRO C 307 -9.32 3.59 33.87
CA PRO C 307 -10.39 3.52 34.87
C PRO C 307 -11.72 4.03 34.29
N GLY C 308 -12.68 3.12 34.16
CA GLY C 308 -13.96 3.53 33.59
C GLY C 308 -13.96 3.40 32.07
N LEU C 309 -12.79 3.09 31.52
CA LEU C 309 -12.62 2.92 30.08
C LEU C 309 -11.84 1.66 29.78
N VAL C 310 -12.19 1.01 28.69
CA VAL C 310 -11.51 -0.19 28.26
C VAL C 310 -11.90 -0.35 26.81
N ILE C 311 -10.91 -0.42 25.93
CA ILE C 311 -11.23 -0.60 24.54
C ILE C 311 -10.15 -1.47 23.94
N ASP C 312 -10.53 -2.35 23.03
CA ASP C 312 -9.54 -3.20 22.38
C ASP C 312 -9.44 -2.70 20.96
N LEU C 313 -8.21 -2.41 20.53
CA LEU C 313 -7.98 -1.94 19.17
C LEU C 313 -7.37 -3.09 18.37
N GLU C 314 -7.80 -3.23 17.12
CA GLU C 314 -7.29 -4.28 16.26
C GLU C 314 -7.30 -3.82 14.82
N THR C 315 -6.32 -4.26 14.06
CA THR C 315 -6.25 -3.90 12.65
C THR C 315 -5.36 -4.93 11.99
N THR C 316 -5.53 -5.19 10.71
CA THR C 316 -4.67 -6.18 10.10
C THR C 316 -4.07 -5.68 8.80
N SER C 317 -2.95 -6.27 8.42
CA SER C 317 -2.30 -5.88 7.19
C SER C 317 -3.13 -6.47 6.06
N LEU C 318 -2.80 -6.06 4.85
CA LEU C 318 -3.47 -6.57 3.67
C LEU C 318 -2.97 -8.02 3.62
N PRO C 319 -3.67 -8.89 2.91
CA PRO C 319 -3.20 -10.27 2.84
C PRO C 319 -1.74 -10.35 2.42
N VAL C 320 -1.03 -11.27 3.05
CA VAL C 320 0.40 -11.54 2.83
C VAL C 320 0.61 -12.88 2.08
N VAL C 321 1.79 -13.05 1.50
CA VAL C 321 2.15 -14.28 0.81
C VAL C 321 3.44 -14.79 1.44
N VAL C 322 3.44 -15.97 2.04
CA VAL C 322 4.65 -16.47 2.68
C VAL C 322 5.45 -17.43 1.79
N ILE C 323 6.73 -17.12 1.56
CA ILE C 323 7.58 -18.00 0.75
C ILE C 323 8.80 -18.52 1.50
N SER C 324 9.46 -19.56 0.97
CA SER C 324 10.64 -20.09 1.64
C SER C 324 11.90 -19.81 0.85
N ASN C 325 11.75 -19.50 -0.43
CA ASN C 325 12.92 -19.21 -1.25
C ASN C 325 12.65 -18.02 -2.18
N VAL C 326 13.61 -17.11 -2.28
CA VAL C 326 13.42 -15.93 -3.10
C VAL C 326 13.06 -16.33 -4.53
N SER C 327 13.14 -17.62 -4.84
CA SER C 327 12.82 -18.05 -6.19
C SER C 327 11.32 -18.07 -6.33
N GLN C 328 10.65 -18.09 -5.19
CA GLN C 328 9.19 -18.10 -5.15
C GLN C 328 8.64 -16.68 -5.04
N LEU C 329 9.49 -15.67 -5.19
CA LEU C 329 9.02 -14.31 -5.03
C LEU C 329 8.33 -13.75 -6.27
N PRO C 330 8.94 -13.91 -7.44
CA PRO C 330 8.26 -13.37 -8.62
C PRO C 330 6.84 -13.93 -8.73
N SER C 331 6.66 -15.19 -8.36
CA SER C 331 5.34 -15.79 -8.45
C SER C 331 4.42 -15.23 -7.36
N GLY C 332 4.98 -15.03 -6.18
CA GLY C 332 4.22 -14.48 -5.09
C GLY C 332 3.77 -13.08 -5.41
N TRP C 333 4.66 -12.30 -6.04
CA TRP C 333 4.32 -10.94 -6.38
C TRP C 333 3.12 -10.94 -7.31
N ALA C 334 3.16 -11.81 -8.31
CA ALA C 334 2.07 -11.91 -9.25
C ALA C 334 0.73 -11.91 -8.53
N SER C 335 0.63 -12.70 -7.45
CA SER C 335 -0.61 -12.83 -6.68
C SER C 335 -1.06 -11.55 -6.01
N ILE C 336 -0.11 -10.80 -5.48
CA ILE C 336 -0.41 -9.54 -4.80
C ILE C 336 -0.77 -8.44 -5.80
N LEU C 337 -0.26 -8.54 -7.03
CA LEU C 337 -0.64 -7.55 -8.04
C LEU C 337 -2.10 -7.85 -8.32
N TRP C 338 -2.37 -9.12 -8.58
CA TRP C 338 -3.70 -9.59 -8.92
C TRP C 338 -4.69 -9.37 -7.80
N TYR C 339 -4.22 -9.53 -6.58
CA TYR C 339 -5.12 -9.33 -5.46
C TYR C 339 -5.57 -7.89 -5.40
N ASN C 340 -4.60 -7.02 -5.09
CA ASN C 340 -4.85 -5.59 -4.96
C ASN C 340 -5.36 -4.93 -6.23
N MET C 341 -5.12 -5.55 -7.37
CA MET C 341 -5.59 -5.00 -8.61
C MET C 341 -7.09 -5.25 -8.66
N LEU C 342 -7.55 -6.34 -8.05
CA LEU C 342 -8.97 -6.64 -8.10
C LEU C 342 -9.75 -6.75 -6.79
N VAL C 343 -9.23 -6.20 -5.69
CA VAL C 343 -9.93 -6.26 -4.41
C VAL C 343 -9.83 -4.94 -3.63
N ALA C 344 -10.72 -4.73 -2.66
CA ALA C 344 -10.73 -3.51 -1.86
C ALA C 344 -11.20 -3.79 -0.42
N GLU C 345 -11.74 -4.97 -0.22
CA GLU C 345 -13.55 -4.91 0.30
C GLU C 345 -12.86 -5.55 1.49
N PRO C 346 -13.61 -5.89 2.56
CA PRO C 346 -12.92 -6.53 3.68
C PRO C 346 -12.32 -7.71 2.90
N ARG C 347 -11.09 -8.08 3.17
CA ARG C 347 -10.54 -9.08 2.28
C ARG C 347 -10.47 -10.57 2.46
N ASN C 348 -10.83 -11.18 1.32
CA ASN C 348 -10.94 -12.61 1.03
C ASN C 348 -9.65 -13.39 0.85
N LEU C 349 -9.26 -14.14 1.88
CA LEU C 349 -8.03 -14.93 1.83
C LEU C 349 -8.18 -16.21 1.01
N SER C 350 -9.33 -16.37 0.35
CA SER C 350 -9.60 -17.54 -0.50
C SER C 350 -9.73 -17.04 -1.92
N PHE C 351 -9.31 -15.80 -2.11
CA PHE C 351 -9.35 -15.14 -3.40
C PHE C 351 -8.97 -16.07 -4.53
N PHE C 352 -7.79 -16.70 -4.45
CA PHE C 352 -7.36 -17.58 -5.54
C PHE C 352 -8.09 -18.90 -5.75
N LEU C 353 -9.10 -19.19 -4.93
CA LEU C 353 -9.85 -20.41 -5.17
C LEU C 353 -10.72 -20.14 -6.39
N THR C 354 -10.86 -18.87 -6.72
CA THR C 354 -11.68 -18.44 -7.85
C THR C 354 -11.18 -17.08 -8.30
N PRO C 355 -9.99 -17.05 -8.90
CA PRO C 355 -9.34 -15.84 -9.41
C PRO C 355 -10.13 -15.17 -10.51
N PRO C 356 -10.77 -14.04 -10.19
CA PRO C 356 -11.57 -13.29 -11.16
C PRO C 356 -10.65 -12.83 -12.28
N CYS C 357 -11.17 -12.73 -13.50
CA CYS C 357 -10.34 -12.31 -14.62
C CYS C 357 -9.96 -10.85 -14.39
N ALA C 358 -9.07 -10.31 -15.21
CA ALA C 358 -8.64 -8.92 -15.10
C ALA C 358 -8.83 -8.22 -16.43
N ARG C 359 -9.40 -7.01 -16.39
CA ARG C 359 -9.60 -6.24 -17.61
C ARG C 359 -8.24 -5.70 -18.08
N TRP C 360 -8.00 -5.65 -19.38
CA TRP C 360 -6.67 -5.23 -19.81
C TRP C 360 -6.32 -3.78 -19.70
N ALA C 361 -7.31 -2.91 -19.77
CA ALA C 361 -7.01 -1.50 -19.62
C ALA C 361 -6.34 -1.35 -18.24
N GLN C 362 -6.72 -2.23 -17.32
CA GLN C 362 -6.18 -2.22 -15.97
C GLN C 362 -4.87 -2.98 -15.79
N LEU C 363 -4.74 -4.15 -16.39
CA LEU C 363 -3.51 -4.94 -16.25
C LEU C 363 -2.34 -4.24 -16.96
N SER C 364 -2.58 -3.81 -18.20
CA SER C 364 -1.56 -3.11 -18.98
C SER C 364 -0.92 -2.02 -18.13
N GLU C 365 -1.77 -1.26 -17.43
CA GLU C 365 -1.29 -0.19 -16.58
C GLU C 365 -0.38 -0.74 -15.52
N VAL C 366 -0.92 -1.59 -14.67
CA VAL C 366 -0.11 -2.20 -13.63
C VAL C 366 1.18 -2.76 -14.24
N LEU C 367 1.10 -3.33 -15.44
CA LEU C 367 2.33 -3.83 -16.00
C LEU C 367 3.30 -2.68 -16.07
N SER C 368 2.92 -1.60 -16.72
CA SER C 368 3.80 -0.46 -16.81
C SER C 368 4.30 -0.01 -15.41
N TRP C 369 3.42 0.01 -14.42
CA TRP C 369 3.87 0.40 -13.09
C TRP C 369 5.07 -0.44 -12.74
N GLN C 370 4.97 -1.74 -12.92
CA GLN C 370 6.07 -2.60 -12.54
C GLN C 370 7.38 -2.06 -13.01
N PHE C 371 7.48 -1.69 -14.28
CA PHE C 371 8.72 -1.12 -14.82
C PHE C 371 8.98 0.26 -14.21
N SER C 372 7.95 1.06 -14.05
CA SER C 372 8.28 2.33 -13.48
C SER C 372 8.56 2.23 -12.01
N SER C 373 8.67 1.01 -11.48
CA SER C 373 8.93 0.83 -10.06
C SER C 373 10.34 0.30 -9.79
N VAL C 374 10.90 -0.43 -10.75
CA VAL C 374 12.26 -0.93 -10.65
C VAL C 374 13.20 -0.06 -11.48
N THR C 375 12.63 0.82 -12.31
CA THR C 375 13.41 1.72 -13.17
C THR C 375 12.80 3.05 -13.23
N LYS C 376 13.30 3.86 -14.15
CA LYS C 376 12.88 5.26 -14.32
C LYS C 376 11.85 5.52 -15.45
N ARG C 377 11.48 4.50 -16.21
CA ARG C 377 10.48 4.69 -17.26
C ARG C 377 9.63 3.44 -17.45
N GLY C 378 8.32 3.64 -17.51
CA GLY C 378 7.37 2.56 -17.65
C GLY C 378 7.33 2.06 -19.07
N LEU C 379 6.14 1.62 -19.45
CA LEU C 379 5.94 1.10 -20.78
C LEU C 379 5.12 2.13 -21.46
N ASN C 380 5.36 2.35 -22.76
CA ASN C 380 4.60 3.32 -23.55
C ASN C 380 3.53 2.49 -24.26
N VAL C 381 2.73 3.15 -25.10
CA VAL C 381 1.72 2.44 -25.85
C VAL C 381 2.23 1.34 -26.85
N ASP C 382 3.30 1.56 -27.61
CA ASP C 382 3.73 0.50 -28.54
C ASP C 382 4.08 -0.79 -27.83
N GLN C 383 4.81 -0.64 -26.73
CA GLN C 383 5.24 -1.77 -25.94
C GLN C 383 4.00 -2.48 -25.37
N LEU C 384 3.07 -1.70 -24.90
CA LEU C 384 1.89 -2.28 -24.34
C LEU C 384 1.01 -2.99 -25.36
N ASN C 385 1.00 -2.58 -26.62
CA ASN C 385 0.12 -3.27 -27.57
C ASN C 385 0.76 -4.61 -27.98
N MET C 386 2.09 -4.64 -27.92
CA MET C 386 2.90 -5.80 -28.28
C MET C 386 2.62 -6.86 -27.26
N LEU C 387 2.59 -6.46 -26.00
CA LEU C 387 2.29 -7.37 -24.93
C LEU C 387 0.82 -7.72 -25.00
N GLY C 388 0.00 -6.76 -25.36
CA GLY C 388 -1.42 -7.00 -25.46
C GLY C 388 -1.81 -8.04 -26.50
N GLU C 389 -1.25 -8.00 -27.71
CA GLU C 389 -1.67 -8.98 -28.69
C GLU C 389 -1.02 -10.30 -28.33
N LYS C 390 -0.40 -10.30 -27.18
CA LYS C 390 0.30 -11.48 -26.72
C LYS C 390 -0.51 -12.18 -25.65
N LEU C 391 -1.44 -11.45 -25.07
CA LEU C 391 -2.28 -11.96 -24.03
C LEU C 391 -3.71 -12.04 -24.48
N LEU C 392 -4.05 -11.31 -25.51
CA LEU C 392 -5.40 -11.35 -25.97
C LEU C 392 -5.46 -11.56 -27.45
N GLY C 393 -4.32 -11.47 -28.11
CA GLY C 393 -4.35 -11.66 -29.55
C GLY C 393 -4.82 -10.44 -30.31
N PRO C 394 -4.93 -10.56 -31.64
CA PRO C 394 -5.37 -9.52 -32.56
C PRO C 394 -6.59 -8.68 -32.18
N ASN C 395 -7.55 -9.25 -31.46
CA ASN C 395 -8.66 -8.41 -31.09
C ASN C 395 -8.36 -7.85 -29.69
N ALA C 396 -7.09 -7.71 -29.35
CA ALA C 396 -6.71 -7.16 -28.05
C ALA C 396 -7.49 -5.84 -27.91
N SER C 397 -8.05 -5.61 -26.72
CA SER C 397 -8.90 -4.47 -26.46
C SER C 397 -8.85 -4.08 -24.99
N PRO C 398 -8.95 -2.79 -24.64
CA PRO C 398 -8.90 -2.40 -23.23
C PRO C 398 -9.90 -3.16 -22.40
N ASP C 399 -11.06 -3.42 -22.97
CA ASP C 399 -12.09 -4.18 -22.26
C ASP C 399 -11.84 -5.70 -22.19
N GLY C 400 -10.96 -6.21 -23.02
CA GLY C 400 -10.74 -7.63 -22.99
C GLY C 400 -10.41 -8.28 -21.64
N LEU C 401 -11.02 -9.41 -21.32
CA LEU C 401 -10.71 -10.07 -20.06
C LEU C 401 -9.50 -11.04 -20.14
N ILE C 402 -8.69 -11.08 -19.09
CA ILE C 402 -7.48 -11.91 -19.08
C ILE C 402 -7.45 -12.88 -17.87
N PRO C 403 -7.74 -14.15 -18.10
CA PRO C 403 -7.71 -15.05 -16.96
C PRO C 403 -6.36 -15.08 -16.20
N TRP C 404 -6.50 -15.25 -14.88
CA TRP C 404 -5.38 -15.36 -13.95
C TRP C 404 -4.47 -16.38 -14.61
N THR C 405 -5.08 -17.50 -14.96
CA THR C 405 -4.44 -18.61 -15.64
C THR C 405 -3.59 -18.17 -16.84
N ARG C 406 -4.12 -17.41 -17.80
CA ARG C 406 -3.30 -17.00 -18.94
C ARG C 406 -2.20 -16.11 -18.45
N PHE C 407 -2.28 -15.61 -17.23
CA PHE C 407 -1.27 -14.70 -16.75
C PHE C 407 -0.09 -15.30 -16.06
N CYS C 408 -0.31 -16.24 -15.11
CA CYS C 408 0.77 -16.83 -14.27
C CYS C 408 0.80 -18.36 -14.37
N LYS C 409 0.02 -18.96 -15.25
CA LYS C 409 0.00 -20.42 -15.36
C LYS C 409 0.17 -21.01 -16.75
N GLU C 410 -0.62 -20.57 -17.70
CA GLU C 410 -0.54 -21.09 -19.05
C GLU C 410 0.90 -20.76 -19.52
N ASN C 411 1.39 -21.49 -20.50
CA ASN C 411 2.74 -21.31 -21.01
C ASN C 411 2.36 -20.32 -22.06
N ILE C 412 3.23 -19.40 -22.46
CA ILE C 412 2.68 -18.41 -23.42
C ILE C 412 2.95 -18.62 -24.97
N ASN C 413 2.82 -17.61 -25.79
CA ASN C 413 2.85 -17.81 -27.30
C ASN C 413 3.39 -19.19 -27.96
N ASP C 414 4.46 -19.82 -27.52
CA ASP C 414 4.80 -21.10 -28.17
C ASP C 414 5.94 -21.68 -27.23
N LYS C 415 6.12 -21.06 -26.10
CA LYS C 415 7.19 -21.44 -25.09
C LYS C 415 7.11 -22.54 -23.94
N ASN C 416 7.93 -22.34 -22.88
CA ASN C 416 7.99 -23.27 -21.72
C ASN C 416 7.98 -22.49 -20.41
N PHE C 417 7.26 -21.35 -20.42
CA PHE C 417 7.10 -20.47 -19.25
C PHE C 417 5.88 -19.64 -19.51
N PRO C 418 5.22 -19.16 -18.45
CA PRO C 418 4.03 -18.31 -18.44
C PRO C 418 4.44 -16.86 -18.78
N PHE C 419 3.45 -16.05 -19.15
CA PHE C 419 3.63 -14.69 -19.47
C PHE C 419 4.32 -13.99 -18.34
N TRP C 420 3.76 -14.10 -17.14
CA TRP C 420 4.33 -13.32 -16.04
C TRP C 420 5.81 -13.52 -15.70
N LEU C 421 6.26 -14.77 -15.64
CA LEU C 421 7.63 -15.01 -15.31
C LEU C 421 8.51 -14.50 -16.39
N TRP C 422 7.99 -14.38 -17.60
CA TRP C 422 8.83 -13.87 -18.73
C TRP C 422 9.02 -12.35 -18.49
N ILE C 423 7.95 -11.63 -18.22
CA ILE C 423 8.12 -10.27 -17.94
C ILE C 423 8.95 -10.15 -16.64
N GLU C 424 8.68 -10.97 -15.64
CA GLU C 424 9.47 -10.82 -14.41
C GLU C 424 10.88 -11.03 -14.62
N SER C 425 11.23 -11.78 -15.64
CA SER C 425 12.63 -12.00 -15.78
C SER C 425 13.31 -10.93 -16.63
N ILE C 426 12.53 -10.19 -17.40
CA ILE C 426 13.14 -9.17 -18.19
C ILE C 426 13.40 -8.08 -17.19
N LEU C 427 12.43 -7.86 -16.30
CA LEU C 427 12.61 -6.87 -15.27
C LEU C 427 13.91 -7.17 -14.52
N GLU C 428 14.02 -8.41 -14.08
CA GLU C 428 15.18 -8.74 -13.36
C GLU C 428 16.34 -8.50 -14.23
N LEU C 429 16.16 -8.62 -15.54
CA LEU C 429 17.30 -8.43 -16.43
C LEU C 429 17.66 -6.94 -16.61
N ILE C 430 16.65 -6.10 -16.64
CA ILE C 430 16.84 -4.65 -16.74
C ILE C 430 17.56 -4.13 -15.51
N LYS C 431 16.96 -4.40 -14.33
CA LYS C 431 17.44 -4.00 -13.02
C LYS C 431 18.87 -4.36 -12.69
N LYS C 432 19.40 -5.46 -13.21
CA LYS C 432 20.82 -5.84 -12.98
C LYS C 432 21.76 -5.64 -14.22
N HIS C 433 21.34 -5.06 -15.35
CA HIS C 433 22.27 -4.99 -16.49
C HIS C 433 21.88 -4.05 -17.60
N LEU C 434 20.74 -3.41 -17.51
CA LEU C 434 20.42 -2.50 -18.60
C LEU C 434 19.83 -1.14 -18.15
N LEU C 435 19.81 -0.86 -16.84
CA LEU C 435 19.16 0.35 -16.38
C LEU C 435 19.43 1.59 -17.15
N PRO C 436 20.70 1.97 -17.23
CA PRO C 436 20.98 3.19 -18.00
C PRO C 436 20.41 3.14 -19.46
N LEU C 437 20.72 2.08 -20.23
CA LEU C 437 20.21 2.00 -21.60
C LEU C 437 18.70 2.07 -21.56
N TRP C 438 18.14 1.27 -20.62
CA TRP C 438 16.67 1.19 -20.49
C TRP C 438 16.07 2.49 -20.20
N ASN C 439 16.51 3.05 -19.09
CA ASN C 439 16.01 4.33 -18.72
C ASN C 439 16.15 5.31 -19.84
N ASP C 440 17.35 5.51 -20.43
CA ASP C 440 17.45 6.47 -21.56
C ASP C 440 16.92 5.95 -22.91
N GLY C 441 15.75 5.30 -22.88
CA GLY C 441 15.05 4.76 -24.05
C GLY C 441 15.76 4.26 -25.28
N CYS C 442 16.79 3.46 -25.10
CA CYS C 442 17.56 2.94 -26.22
C CYS C 442 17.05 1.47 -26.42
N ILE C 443 16.08 1.02 -25.62
CA ILE C 443 15.59 -0.35 -25.80
C ILE C 443 14.15 -0.21 -26.07
N MET C 444 13.70 -0.92 -27.09
CA MET C 444 12.31 -0.95 -27.51
C MET C 444 11.87 -2.33 -27.25
N GLY C 445 12.57 -3.02 -26.34
CA GLY C 445 12.34 -4.43 -25.99
C GLY C 445 11.14 -5.21 -26.47
N PHE C 446 9.97 -4.66 -26.31
CA PHE C 446 8.87 -5.43 -26.74
C PHE C 446 8.36 -5.08 -28.12
N ILE C 447 8.95 -5.73 -29.12
CA ILE C 447 8.50 -5.51 -30.48
C ILE C 447 8.19 -6.75 -31.27
N SER C 448 6.94 -6.77 -31.71
CA SER C 448 6.36 -7.82 -32.52
C SER C 448 7.52 -8.09 -33.44
N LYS C 449 7.82 -9.33 -33.88
CA LYS C 449 8.98 -9.52 -34.84
C LYS C 449 8.65 -8.95 -36.24
N GLU C 450 7.36 -8.81 -36.53
CA GLU C 450 6.91 -8.23 -37.77
C GLU C 450 7.37 -6.83 -37.80
N ARG C 451 6.76 -6.00 -36.97
CA ARG C 451 7.07 -4.59 -36.94
C ARG C 451 8.53 -4.33 -36.80
N GLU C 452 9.28 -5.25 -36.20
CA GLU C 452 10.74 -5.07 -36.14
C GLU C 452 11.11 -4.93 -37.62
N ARG C 453 11.07 -6.04 -38.38
CA ARG C 453 11.29 -6.05 -39.83
C ARG C 453 10.77 -4.72 -40.50
N ALA C 454 9.44 -4.54 -40.47
CA ALA C 454 8.75 -3.37 -41.03
C ALA C 454 9.46 -2.05 -40.86
N LEU C 455 9.84 -1.76 -39.63
CA LEU C 455 10.51 -0.51 -39.41
C LEU C 455 11.95 -0.48 -39.85
N LEU C 456 12.47 -1.58 -40.36
CA LEU C 456 13.88 -1.52 -40.70
C LEU C 456 14.32 -1.27 -42.11
N LYS C 457 13.40 -1.00 -43.01
CA LYS C 457 13.87 -0.58 -44.30
C LYS C 457 13.93 0.88 -43.92
N ASP C 458 15.00 1.24 -43.22
CA ASP C 458 15.30 2.61 -42.77
C ASP C 458 16.61 2.72 -43.48
N GLN C 459 16.95 1.61 -44.12
CA GLN C 459 18.13 1.48 -44.93
C GLN C 459 19.20 2.52 -44.62
N GLN C 460 19.48 2.70 -43.36
CA GLN C 460 20.57 3.58 -43.01
C GLN C 460 21.09 2.34 -42.36
N PRO C 461 21.79 1.49 -43.18
CA PRO C 461 22.41 0.21 -42.89
C PRO C 461 22.96 -0.08 -41.51
N GLY C 462 23.02 0.95 -40.64
CA GLY C 462 23.47 0.83 -39.27
C GLY C 462 22.11 0.65 -38.68
N THR C 463 21.60 -0.53 -38.91
CA THR C 463 20.28 -0.83 -38.45
C THR C 463 20.23 -1.54 -37.11
N PHE C 464 20.14 -0.73 -36.07
CA PHE C 464 20.05 -1.15 -34.70
C PHE C 464 18.63 -1.13 -34.13
N LEU C 465 18.36 -2.17 -33.37
CA LEU C 465 17.11 -2.39 -32.65
C LEU C 465 17.28 -3.44 -31.55
N LEU C 466 17.33 -2.98 -30.30
CA LEU C 466 17.48 -3.86 -29.15
C LEU C 466 16.08 -4.30 -28.73
N ARG C 467 15.78 -5.59 -28.86
CA ARG C 467 14.48 -6.16 -28.49
C ARG C 467 14.72 -7.17 -27.38
N PHE C 468 13.79 -7.30 -26.43
CA PHE C 468 13.96 -8.30 -25.38
C PHE C 468 13.58 -9.62 -25.97
N SER C 469 14.24 -10.68 -25.57
CA SER C 469 13.93 -11.97 -26.16
C SER C 469 12.63 -12.57 -25.75
N GLU C 470 11.89 -13.10 -26.71
CA GLU C 470 10.63 -13.72 -26.38
C GLU C 470 10.82 -15.18 -26.04
N SER C 471 11.99 -15.74 -26.33
CA SER C 471 12.19 -17.16 -26.07
C SER C 471 12.72 -17.59 -24.70
N SER C 472 13.71 -16.87 -24.18
CA SER C 472 14.31 -17.23 -22.90
C SER C 472 13.38 -17.30 -21.70
N ARG C 473 13.86 -18.45 -20.81
CA ARG C 473 13.30 -18.59 -19.50
C ARG C 473 13.83 -17.55 -18.68
N GLU C 474 14.65 -16.89 -19.06
CA GLU C 474 15.63 -16.22 -18.18
C GLU C 474 15.64 -14.71 -18.32
N GLY C 475 15.59 -14.25 -19.56
CA GLY C 475 15.60 -12.82 -19.78
C GLY C 475 16.90 -12.56 -20.46
N ALA C 476 16.81 -12.19 -21.73
CA ALA C 476 17.97 -11.91 -22.56
C ALA C 476 17.68 -10.76 -23.55
N ILE C 477 18.71 -10.16 -24.15
CA ILE C 477 18.51 -9.08 -25.12
C ILE C 477 19.23 -9.34 -26.44
N THR C 478 18.56 -9.00 -27.54
CA THR C 478 19.11 -9.16 -28.88
C THR C 478 18.99 -7.84 -29.60
N PHE C 479 19.76 -7.69 -30.67
CA PHE C 479 19.65 -6.51 -31.53
C PHE C 479 19.41 -7.08 -32.92
N THR C 480 18.81 -6.26 -33.79
CA THR C 480 18.60 -6.73 -35.14
C THR C 480 19.33 -5.88 -36.16
N TRP C 481 19.83 -6.63 -37.12
CA TRP C 481 20.69 -6.26 -38.24
C TRP C 481 20.00 -6.02 -39.58
N VAL C 482 20.39 -4.95 -40.28
CA VAL C 482 19.90 -4.67 -41.64
C VAL C 482 20.92 -3.90 -42.48
N GLU C 483 21.61 -4.62 -43.38
CA GLU C 483 22.57 -3.98 -44.29
C GLU C 483 21.97 -4.27 -45.66
N ARG C 484 22.72 -4.32 -46.75
CA ARG C 484 22.04 -4.62 -48.01
C ARG C 484 22.24 -6.00 -48.58
N SER C 485 21.24 -6.46 -49.33
CA SER C 485 21.22 -7.81 -49.91
C SER C 485 22.08 -8.09 -51.14
N GLN C 486 22.73 -7.06 -51.68
CA GLN C 486 23.61 -7.24 -52.83
C GLN C 486 22.84 -7.77 -54.05
N ASN C 487 21.53 -7.90 -53.90
CA ASN C 487 20.68 -8.39 -54.99
C ASN C 487 19.25 -7.85 -54.90
N GLY C 488 19.08 -6.64 -54.36
CA GLY C 488 17.74 -6.10 -54.27
C GLY C 488 16.85 -6.96 -53.42
N GLY C 489 17.11 -6.83 -52.56
CA GLY C 489 16.40 -7.46 -51.47
C GLY C 489 17.10 -7.07 -50.16
N GLU C 490 16.35 -6.40 -49.28
CA GLU C 490 16.97 -5.99 -48.01
C GLU C 490 17.47 -7.31 -47.44
N PRO C 491 18.68 -7.39 -47.00
CA PRO C 491 19.29 -8.57 -46.39
C PRO C 491 18.65 -8.94 -45.04
N ASP C 492 18.54 -10.14 -44.98
CA ASP C 492 17.74 -11.08 -44.26
C ASP C 492 17.49 -10.85 -42.78
N PHE C 493 17.80 -9.65 -42.45
CA PHE C 493 17.15 -9.30 -41.19
C PHE C 493 17.52 -10.29 -40.10
N HIS C 494 18.90 -10.41 -40.19
CA HIS C 494 19.81 -10.38 -38.87
C HIS C 494 19.74 -10.09 -37.38
N ALA C 495 19.48 -11.13 -36.59
CA ALA C 495 19.38 -11.02 -35.13
C ALA C 495 20.19 -12.12 -34.39
N VAL C 496 21.16 -11.64 -33.62
CA VAL C 496 22.06 -12.45 -32.81
C VAL C 496 21.35 -13.22 -31.71
N GLU C 497 21.87 -14.38 -31.30
CA GLU C 497 21.22 -15.11 -30.21
C GLU C 497 21.24 -14.20 -29.00
N PRO C 498 20.16 -14.20 -28.20
CA PRO C 498 20.01 -13.37 -27.02
C PRO C 498 21.09 -13.51 -26.00
N TYR C 499 21.27 -12.47 -25.22
CA TYR C 499 22.29 -12.50 -24.20
C TYR C 499 21.60 -12.65 -22.86
N THR C 500 22.04 -13.63 -22.08
CA THR C 500 21.42 -13.84 -20.79
C THR C 500 22.28 -13.11 -19.72
N LYS C 501 22.01 -13.27 -18.44
CA LYS C 501 22.84 -12.59 -17.45
C LYS C 501 24.31 -12.98 -17.62
N LYS C 502 24.56 -14.27 -17.90
CA LYS C 502 25.91 -14.78 -18.06
C LYS C 502 26.74 -13.85 -18.93
N GLU C 503 26.68 -14.05 -20.25
CA GLU C 503 27.45 -13.20 -21.15
C GLU C 503 27.45 -11.72 -20.77
N LEU C 504 26.36 -11.22 -20.16
CA LEU C 504 26.29 -9.80 -19.77
C LEU C 504 27.07 -9.47 -18.51
N SER C 505 27.15 -10.41 -17.58
CA SER C 505 27.89 -10.14 -16.36
C SER C 505 29.40 -10.16 -16.63
N ALA C 506 29.81 -10.90 -17.65
CA ALA C 506 31.23 -10.85 -17.97
C ALA C 506 31.52 -9.65 -18.95
N VAL C 507 30.48 -9.02 -19.49
CA VAL C 507 30.66 -7.91 -20.41
C VAL C 507 29.41 -7.03 -20.46
N THR C 508 29.57 -5.73 -20.32
CA THR C 508 28.42 -4.82 -20.35
C THR C 508 27.71 -5.06 -21.66
N PHE C 509 26.50 -4.53 -21.86
CA PHE C 509 25.84 -4.74 -23.15
C PHE C 509 26.36 -3.68 -24.11
N PRO C 510 26.47 -2.41 -23.67
CA PRO C 510 26.99 -1.42 -24.61
C PRO C 510 28.31 -1.89 -25.22
N ASP C 511 29.26 -2.29 -24.36
CA ASP C 511 30.59 -2.71 -24.77
C ASP C 511 30.58 -3.83 -25.79
N ILE C 512 29.55 -4.66 -25.76
CA ILE C 512 29.46 -5.75 -26.74
C ILE C 512 28.89 -5.23 -28.08
N ILE C 513 28.19 -4.10 -28.00
CA ILE C 513 27.60 -3.43 -29.14
C ILE C 513 28.71 -2.70 -29.86
N ARG C 514 29.60 -2.09 -29.10
CA ARG C 514 30.74 -1.36 -29.66
C ARG C 514 31.56 -2.31 -30.47
N ASN C 515 31.84 -3.47 -29.92
CA ASN C 515 32.70 -4.39 -30.62
C ASN C 515 32.05 -5.62 -31.19
N TYR C 516 30.84 -5.57 -31.73
CA TYR C 516 30.29 -6.80 -32.30
C TYR C 516 30.97 -7.20 -33.61
N LYS C 517 32.13 -6.65 -33.93
CA LYS C 517 32.82 -6.93 -35.19
C LYS C 517 32.36 -8.11 -36.11
N VAL C 518 31.92 -9.25 -35.59
CA VAL C 518 31.41 -10.38 -36.42
C VAL C 518 32.04 -10.82 -37.76
N MET C 519 33.23 -11.43 -37.71
CA MET C 519 33.98 -11.89 -38.88
C MET C 519 34.12 -10.66 -39.80
N ALA C 520 35.14 -9.84 -39.52
CA ALA C 520 35.38 -8.59 -40.27
C ALA C 520 36.82 -8.45 -40.79
N ALA C 521 36.97 -8.76 -42.08
CA ALA C 521 38.24 -8.72 -42.79
C ALA C 521 38.83 -7.30 -42.69
N GLU C 522 39.92 -7.11 -41.95
CA GLU C 522 40.44 -5.74 -41.85
C GLU C 522 41.79 -5.39 -41.19
N ASN C 523 41.79 -4.28 -40.46
CA ASN C 523 42.98 -3.81 -39.79
C ASN C 523 42.74 -2.39 -39.26
N ILE C 524 41.55 -2.11 -38.72
CA ILE C 524 41.26 -0.78 -38.18
C ILE C 524 39.83 -0.63 -37.67
N PRO C 525 38.85 -0.62 -38.59
CA PRO C 525 37.40 -0.52 -38.27
C PRO C 525 36.69 -1.74 -38.88
N GLU C 526 35.56 -2.15 -38.30
CA GLU C 526 34.75 -3.29 -38.78
C GLU C 526 33.44 -3.23 -37.97
N ASN C 527 32.31 -3.69 -38.50
CA ASN C 527 31.03 -3.59 -37.77
C ASN C 527 30.24 -4.80 -38.09
N PRO C 528 28.91 -4.68 -38.33
CA PRO C 528 27.65 -3.89 -38.40
C PRO C 528 27.11 -3.08 -37.25
N LEU C 529 27.58 -1.87 -37.10
CA LEU C 529 27.11 -1.08 -35.99
C LEU C 529 26.75 0.22 -36.73
N LYS C 530 26.29 1.24 -36.03
CA LYS C 530 26.08 2.58 -36.61
C LYS C 530 24.85 3.28 -37.11
N TYR C 531 23.83 2.84 -36.44
CA TYR C 531 22.64 3.70 -36.35
C TYR C 531 21.60 2.93 -35.61
N LEU C 532 21.49 3.58 -34.49
CA LEU C 532 20.80 3.16 -33.39
C LEU C 532 19.28 2.95 -33.46
N TYR C 533 18.61 3.95 -33.90
CA TYR C 533 17.25 3.71 -34.26
C TYR C 533 17.29 4.61 -35.46
N PRO C 534 16.29 5.48 -35.78
CA PRO C 534 16.80 6.10 -37.03
C PRO C 534 17.88 7.13 -36.92
N ASN C 535 19.08 6.67 -37.14
CA ASN C 535 20.21 7.52 -37.11
C ASN C 535 20.52 8.31 -35.89
N ILE C 536 20.73 7.59 -34.81
CA ILE C 536 21.29 8.28 -33.70
C ILE C 536 22.54 7.43 -33.99
N ASP C 537 23.68 8.11 -34.12
CA ASP C 537 25.01 7.56 -34.47
C ASP C 537 25.53 6.58 -33.47
N LYS C 538 25.61 5.32 -33.90
CA LYS C 538 26.06 4.31 -32.97
C LYS C 538 26.76 4.86 -31.78
N ASP C 539 27.99 5.33 -31.95
CA ASP C 539 28.70 5.84 -30.79
C ASP C 539 27.98 6.96 -30.05
N HIS C 540 27.55 8.03 -30.74
CA HIS C 540 26.83 9.18 -30.15
C HIS C 540 25.65 8.60 -29.36
N ALA C 541 25.13 7.50 -29.89
CA ALA C 541 24.04 6.81 -29.24
C ALA C 541 24.50 6.29 -27.89
N PHE C 542 25.46 5.36 -27.93
CA PHE C 542 26.01 4.69 -26.76
C PHE C 542 27.33 5.17 -26.22
N GLY C 543 27.59 6.46 -26.38
CA GLY C 543 28.84 6.98 -25.87
C GLY C 543 28.99 6.88 -24.36
N LYS C 544 27.92 7.14 -23.60
CA LYS C 544 28.03 7.11 -22.13
C LYS C 544 28.41 5.77 -21.55
N TYR C 545 27.75 4.74 -22.02
CA TYR C 545 27.81 3.40 -21.51
C TYR C 545 29.08 2.54 -21.65
N TYR C 546 29.99 2.92 -22.53
CA TYR C 546 31.22 2.14 -22.72
C TYR C 546 32.14 2.04 -21.52
N SER C 547 32.96 0.99 -21.46
CA SER C 547 33.87 0.80 -20.34
C SER C 547 35.23 1.46 -20.56
N ARG C 548 35.22 2.61 -21.22
CA ARG C 548 36.46 3.33 -21.50
C ARG C 548 36.70 4.43 -20.45
N GLY C 565 54.07 -5.76 -16.95
CA GLY C 565 53.07 -5.05 -17.80
C GLY C 565 52.43 -6.09 -18.70
N PTR C 566 51.11 -6.22 -18.62
CA PTR C 566 50.45 -7.23 -19.44
C PTR C 566 49.94 -6.67 -20.76
O PTR C 566 50.15 -5.51 -21.07
CB PTR C 566 49.30 -7.89 -18.62
CG PTR C 566 49.85 -8.88 -17.59
CD1 PTR C 566 50.13 -8.46 -16.26
CD2 PTR C 566 50.09 -10.21 -17.96
CE1 PTR C 566 50.64 -9.41 -15.34
CE2 PTR C 566 50.59 -11.17 -17.07
CZ PTR C 566 50.86 -10.73 -15.77
OH PTR C 566 51.39 -11.74 -14.89
P PTR C 566 51.65 -11.54 -13.31
O1P PTR C 566 50.34 -11.35 -12.67
O2P PTR C 566 52.48 -10.34 -13.08
O3P PTR C 566 52.28 -12.78 -12.72
N ILE C 567 49.28 -7.53 -21.53
CA ILE C 567 48.70 -7.17 -22.82
C ILE C 567 47.18 -7.03 -22.66
N LYS C 568 46.70 -5.87 -22.18
CA LYS C 568 45.26 -5.70 -21.97
C LYS C 568 44.35 -6.25 -23.05
N THR C 569 43.24 -6.88 -22.63
CA THR C 569 42.26 -7.50 -23.52
C THR C 569 40.82 -7.08 -23.26
N GLU C 570 39.89 -7.70 -23.98
CA GLU C 570 38.46 -7.40 -23.86
C GLU C 570 37.64 -8.58 -24.36
N LEU C 571 36.46 -8.81 -23.79
CA LEU C 571 35.64 -9.90 -24.31
C LEU C 571 34.77 -9.25 -25.36
N ILE C 572 34.37 -10.05 -26.33
CA ILE C 572 33.56 -9.54 -27.42
C ILE C 572 32.68 -10.62 -28.02
N SER C 573 31.49 -10.25 -28.44
CA SER C 573 30.64 -11.26 -29.03
C SER C 573 31.04 -11.28 -30.49
N VAL C 574 30.98 -12.45 -31.11
CA VAL C 574 31.35 -12.61 -32.50
C VAL C 574 30.46 -13.64 -33.17
N SER C 575 30.28 -13.50 -34.49
CA SER C 575 29.44 -14.40 -35.29
C SER C 575 29.72 -15.87 -34.98
#